data_3HK4
#
_entry.id   3HK4
#
_cell.length_a   42.183
_cell.length_b   54.778
_cell.length_c   63.844
_cell.angle_alpha   88.770
_cell.angle_beta   84.910
_cell.angle_gamma   73.560
#
_symmetry.space_group_name_H-M   'P 1'
#
loop_
_entity.id
_entity.type
_entity.pdbx_description
1 polymer 'Mlr7391 protein'
2 water water
#
_entity_poly.entity_id   1
_entity_poly.type   'polypeptide(L)'
_entity_poly.pdbx_seq_one_letter_code
;(MSE)GSDKIHHHHHHENLYFQG(MSE)TIAEIAKDFTELLKQGDNAGAAEKYNADDIASYEA(MSE)EGP(MSE)AVSH
GKEALRQKSQWWQENHEVHGGSVEGPYVNGDQFALRFKFDVTPKATGERVT(MSE)DEVGLYTVKNGKITEERFYY
;
_entity_poly.pdbx_strand_id   A,B,C,D
#
# COMPACT_ATOMS: atom_id res chain seq x y z
N GLY A 19 -15.69 1.89 -17.45
CA GLY A 19 -16.87 2.63 -17.97
C GLY A 19 -17.21 3.89 -17.19
N THR A 21 -17.19 7.65 -16.35
CA THR A 21 -16.87 8.81 -17.15
C THR A 21 -15.74 9.51 -16.44
N ILE A 22 -15.10 10.46 -17.11
CA ILE A 22 -14.06 11.29 -16.48
C ILE A 22 -14.69 12.09 -15.36
N ALA A 23 -15.89 12.62 -15.58
CA ALA A 23 -16.55 13.41 -14.55
C ALA A 23 -16.75 12.59 -13.22
N GLU A 24 -17.14 11.34 -13.36
CA GLU A 24 -17.37 10.43 -12.23
C GLU A 24 -16.10 10.12 -11.41
N ILE A 25 -15.07 9.70 -12.12
CA ILE A 25 -13.75 9.46 -11.57
C ILE A 25 -13.25 10.71 -10.90
N ALA A 26 -13.34 11.83 -11.59
CA ALA A 26 -12.88 13.09 -11.04
C ALA A 26 -13.56 13.44 -9.73
N LYS A 27 -14.88 13.27 -9.67
CA LYS A 27 -15.65 13.56 -8.49
C LYS A 27 -15.31 12.62 -7.37
N ASP A 28 -15.17 11.35 -7.65
CA ASP A 28 -14.86 10.40 -6.57
C ASP A 28 -13.48 10.71 -6.01
N PHE A 29 -12.49 10.81 -6.88
CA PHE A 29 -11.08 11.09 -6.49
C PHE A 29 -10.99 12.35 -5.67
N THR A 30 -11.70 13.39 -6.09
CA THR A 30 -11.69 14.68 -5.37
C THR A 30 -12.29 14.55 -3.99
N GLU A 31 -13.41 13.85 -3.89
CA GLU A 31 -14.06 13.67 -2.62
C GLU A 31 -13.16 12.89 -1.67
N LEU A 32 -12.50 11.85 -2.19
CA LEU A 32 -11.58 11.10 -1.40
C LEU A 32 -10.43 11.97 -0.89
N LEU A 33 -9.88 12.82 -1.75
CA LEU A 33 -8.79 13.73 -1.28
C LEU A 33 -9.32 14.69 -0.24
N LYS A 34 -10.48 15.30 -0.48
CA LYS A 34 -11.08 16.20 0.52
C LYS A 34 -11.27 15.54 1.88
N GLN A 35 -11.68 14.27 1.86
CA GLN A 35 -11.92 13.47 3.08
C GLN A 35 -10.63 13.01 3.77
N GLY A 36 -9.51 13.22 3.13
CA GLY A 36 -8.19 12.88 3.66
C GLY A 36 -7.73 11.51 3.25
N ASP A 37 -8.47 10.81 2.38
CA ASP A 37 -8.14 9.45 1.99
C ASP A 37 -7.24 9.44 0.78
N ASN A 38 -6.11 10.08 0.94
CA ASN A 38 -5.14 10.22 -0.12
C ASN A 38 -4.63 8.88 -0.58
N ALA A 39 -4.35 8.01 0.38
CA ALA A 39 -3.86 6.67 0.01
C ALA A 39 -4.92 5.85 -0.69
N GLY A 40 -6.17 6.04 -0.32
CA GLY A 40 -7.24 5.29 -0.95
C GLY A 40 -7.49 5.70 -2.38
N ALA A 41 -7.45 7.00 -2.60
CA ALA A 41 -7.63 7.57 -3.95
C ALA A 41 -6.53 7.11 -4.90
N ALA A 42 -5.30 7.11 -4.37
CA ALA A 42 -4.16 6.67 -5.12
C ALA A 42 -4.27 5.16 -5.47
N GLU A 43 -4.58 4.33 -4.50
CA GLU A 43 -4.71 2.89 -4.76
C GLU A 43 -5.87 2.59 -5.69
N LYS A 44 -6.96 3.30 -5.53
CA LYS A 44 -8.11 3.04 -6.41
C LYS A 44 -7.91 3.48 -7.86
N TYR A 45 -7.24 4.60 -8.05
CA TYR A 45 -7.22 5.19 -9.38
C TYR A 45 -5.89 5.26 -10.09
N ASN A 46 -4.76 5.15 -9.39
CA ASN A 46 -3.49 5.34 -10.08
C ASN A 46 -3.17 4.17 -10.96
N ALA A 47 -2.68 4.47 -12.15
CA ALA A 47 -2.25 3.40 -13.06
C ALA A 47 -0.97 2.84 -12.50
N ASP A 48 -0.67 1.58 -12.76
CA ASP A 48 0.55 0.96 -12.23
C ASP A 48 1.82 1.69 -12.65
N ASP A 49 1.77 2.31 -13.83
CA ASP A 49 2.88 3.05 -14.37
C ASP A 49 2.64 4.56 -14.30
N ILE A 50 1.89 5.03 -13.30
CA ILE A 50 1.64 6.44 -13.18
C ILE A 50 2.95 7.28 -13.14
N ALA A 51 2.99 8.38 -13.92
CA ALA A 51 4.10 9.35 -13.93
C ALA A 51 3.67 10.58 -13.12
N SER A 52 4.51 11.06 -12.21
CA SER A 52 4.19 12.18 -11.37
C SER A 52 5.26 13.22 -11.58
N TYR A 53 4.85 14.46 -11.86
CA TYR A 53 5.75 15.54 -12.18
C TYR A 53 5.56 16.76 -11.27
N GLU A 54 6.56 17.08 -10.45
N GLU A 54 6.50 17.01 -10.36
CA GLU A 54 6.55 18.30 -9.65
CA GLU A 54 6.44 18.15 -9.43
C GLU A 54 7.02 19.42 -10.56
C GLU A 54 6.82 19.43 -10.17
N ALA A 55 6.78 20.66 -10.17
N ALA A 55 6.34 20.57 -9.68
CA ALA A 55 7.14 21.83 -10.98
CA ALA A 55 6.61 21.86 -10.33
C ALA A 55 8.58 22.25 -10.78
C ALA A 55 8.02 22.33 -10.04
N GLU A 57 12.62 21.55 -10.09
N GLU A 57 11.82 22.17 -9.89
CA GLU A 57 13.63 20.51 -10.29
CA GLU A 57 12.91 21.54 -10.62
C GLU A 57 14.12 20.12 -8.89
C GLU A 57 13.72 20.59 -9.72
N GLY A 58 14.41 18.83 -8.70
N GLY A 58 14.44 19.65 -10.34
CA GLY A 58 14.85 18.33 -7.40
CA GLY A 58 15.24 18.67 -9.59
C GLY A 58 14.84 16.81 -7.32
C GLY A 58 15.33 17.30 -10.23
N PRO A 59 15.31 16.29 -6.19
N PRO A 59 16.23 16.45 -9.68
CA PRO A 59 15.48 14.87 -5.92
CA PRO A 59 16.47 15.10 -10.17
C PRO A 59 14.28 13.96 -6.25
C PRO A 59 15.48 14.09 -9.64
N ALA A 61 11.47 15.06 -8.11
N ALA A 61 12.13 15.21 -8.94
CA ALA A 61 10.68 15.85 -9.07
CA ALA A 61 10.84 15.83 -9.14
C ALA A 61 9.98 15.05 -10.19
C ALA A 61 9.96 14.94 -10.03
N VAL A 62 10.58 13.96 -10.66
CA VAL A 62 9.91 13.13 -11.62
C VAL A 62 9.83 11.73 -11.09
N SER A 63 8.63 11.17 -11.00
CA SER A 63 8.48 9.79 -10.49
C SER A 63 7.68 8.89 -11.42
N HIS A 64 8.07 7.60 -11.54
CA HIS A 64 7.39 6.65 -12.36
C HIS A 64 7.08 5.38 -11.56
N GLY A 65 5.84 4.92 -11.62
CA GLY A 65 5.42 3.69 -10.95
C GLY A 65 4.46 4.02 -9.84
N LYS A 66 3.46 3.15 -9.62
CA LYS A 66 2.43 3.35 -8.58
C LYS A 66 3.00 3.21 -7.16
N GLU A 67 3.78 2.18 -6.98
N GLU A 67 3.78 2.16 -6.98
CA GLU A 67 4.39 1.90 -5.69
CA GLU A 67 4.39 1.88 -5.69
C GLU A 67 5.40 2.98 -5.36
C GLU A 67 5.45 2.94 -5.35
N ALA A 68 6.13 3.45 -6.37
CA ALA A 68 7.10 4.56 -6.18
C ALA A 68 6.34 5.76 -5.65
N LEU A 69 5.16 6.03 -6.19
CA LEU A 69 4.40 7.23 -5.72
C LEU A 69 3.91 7.06 -4.31
N ARG A 70 3.56 5.85 -3.92
CA ARG A 70 3.14 5.56 -2.57
C ARG A 70 4.31 5.86 -1.61
N GLN A 71 5.53 5.51 -2.04
CA GLN A 71 6.70 5.77 -1.22
C GLN A 71 6.98 7.24 -1.11
N LYS A 72 6.93 7.94 -2.23
CA LYS A 72 7.13 9.38 -2.23
C LYS A 72 6.09 10.02 -1.33
N SER A 73 4.86 9.54 -1.45
CA SER A 73 3.76 10.15 -0.68
C SER A 73 3.97 9.91 0.79
N GLN A 74 4.39 8.72 1.17
CA GLN A 74 4.68 8.46 2.58
C GLN A 74 5.87 9.30 3.05
N TRP A 75 6.85 9.43 2.19
CA TRP A 75 8.03 10.28 2.54
C TRP A 75 7.56 11.69 2.84
N TRP A 76 6.76 12.23 1.94
CA TRP A 76 6.26 13.59 2.12
C TRP A 76 5.50 13.78 3.45
N GLN A 77 4.62 12.83 3.75
CA GLN A 77 3.82 12.88 4.98
C GLN A 77 4.69 12.89 6.22
N GLU A 78 5.75 12.08 6.19
CA GLU A 78 6.69 11.99 7.34
C GLU A 78 7.55 13.22 7.55
N ASN A 79 7.65 14.07 6.53
CA ASN A 79 8.48 15.24 6.54
C ASN A 79 7.71 16.55 6.57
N HIS A 80 6.38 16.49 6.68
CA HIS A 80 5.57 17.70 6.77
C HIS A 80 4.40 17.50 7.72
N GLU A 81 4.04 18.57 8.42
CA GLU A 81 2.82 18.63 9.22
C GLU A 81 1.83 19.49 8.38
N VAL A 82 0.66 18.94 8.10
N VAL A 82 0.67 18.93 8.03
CA VAL A 82 -0.33 19.64 7.32
CA VAL A 82 -0.32 19.68 7.26
C VAL A 82 -1.25 20.32 8.33
C VAL A 82 -1.29 20.29 8.26
N HIS A 83 -1.47 21.61 8.15
CA HIS A 83 -2.33 22.38 8.99
C HIS A 83 -3.59 22.75 8.20
N GLY A 84 -4.35 21.75 7.76
CA GLY A 84 -5.63 22.04 7.08
C GLY A 84 -5.61 22.36 5.59
N GLY A 85 -6.33 23.41 5.20
CA GLY A 85 -6.45 23.79 3.79
C GLY A 85 -7.67 23.26 3.05
N SER A 86 -7.68 23.43 1.72
CA SER A 86 -8.81 23.03 0.90
C SER A 86 -8.44 22.48 -0.46
N VAL A 87 -9.37 21.74 -1.07
CA VAL A 87 -9.20 21.21 -2.40
C VAL A 87 -10.35 21.78 -3.18
N GLU A 88 -10.07 22.44 -4.30
CA GLU A 88 -11.11 23.00 -5.14
C GLU A 88 -11.10 22.27 -6.46
N GLY A 89 -12.29 21.96 -6.94
CA GLY A 89 -12.46 21.28 -8.20
C GLY A 89 -13.44 20.15 -7.98
N PRO A 90 -13.47 19.20 -8.88
CA PRO A 90 -12.60 19.07 -10.06
C PRO A 90 -13.02 19.98 -11.20
N TYR A 91 -12.07 20.36 -12.03
CA TYR A 91 -12.30 21.16 -13.23
C TYR A 91 -11.96 20.21 -14.36
N VAL A 92 -12.90 19.89 -15.25
CA VAL A 92 -12.68 18.87 -16.27
C VAL A 92 -12.56 19.38 -17.71
N ASN A 93 -11.71 18.74 -18.51
CA ASN A 93 -11.69 19.02 -19.96
C ASN A 93 -11.15 17.79 -20.60
N GLY A 94 -11.95 17.15 -21.44
CA GLY A 94 -11.48 15.96 -22.14
C GLY A 94 -11.13 14.80 -21.22
N ASP A 95 -9.92 14.25 -21.40
CA ASP A 95 -9.39 13.13 -20.59
C ASP A 95 -8.67 13.58 -19.33
N GLN A 96 -8.85 14.84 -18.94
CA GLN A 96 -8.16 15.36 -17.79
C GLN A 96 -9.01 16.16 -16.85
N PHE A 97 -8.55 16.24 -15.62
CA PHE A 97 -9.14 17.12 -14.62
C PHE A 97 -8.03 17.76 -13.77
N ALA A 98 -8.37 18.95 -13.27
CA ALA A 98 -7.52 19.77 -12.48
C ALA A 98 -8.14 20.03 -11.14
N LEU A 99 -7.29 20.15 -10.14
CA LEU A 99 -7.67 20.51 -8.78
C LEU A 99 -6.76 21.62 -8.31
N ARG A 100 -7.27 22.45 -7.44
CA ARG A 100 -6.47 23.52 -6.87
C ARG A 100 -6.38 23.23 -5.37
N PHE A 101 -5.15 23.19 -4.87
CA PHE A 101 -4.82 22.84 -3.49
C PHE A 101 -4.25 24.08 -2.87
N LYS A 102 -4.81 24.47 -1.72
CA LYS A 102 -4.31 25.61 -0.91
C LYS A 102 -4.30 25.11 0.53
N PHE A 103 -3.10 24.94 1.09
CA PHE A 103 -2.95 24.43 2.45
C PHE A 103 -1.71 24.97 3.14
N ASP A 104 -1.80 25.12 4.47
CA ASP A 104 -0.65 25.50 5.27
C ASP A 104 0.03 24.21 5.65
N VAL A 105 1.36 24.25 5.69
CA VAL A 105 2.14 23.09 6.01
C VAL A 105 3.44 23.54 6.68
N THR A 106 3.97 22.71 7.56
CA THR A 106 5.25 22.99 8.17
C THR A 106 6.20 21.87 7.80
N PRO A 107 7.14 22.18 6.90
CA PRO A 107 8.16 21.21 6.54
C PRO A 107 9.12 20.97 7.69
N LYS A 108 9.41 19.70 7.98
CA LYS A 108 10.42 19.37 8.98
C LYS A 108 11.80 19.99 8.73
N ALA A 109 12.15 20.18 7.46
CA ALA A 109 13.45 20.76 7.11
C ALA A 109 13.64 22.18 7.65
N THR A 110 12.59 23.00 7.60
CA THR A 110 12.67 24.38 8.07
C THR A 110 11.97 24.64 9.39
N GLY A 111 10.96 23.85 9.72
CA GLY A 111 10.18 24.15 10.93
C GLY A 111 9.42 25.47 10.85
N GLU A 112 9.28 26.03 9.63
CA GLU A 112 8.59 27.28 9.38
C GLU A 112 7.38 26.98 8.50
N ARG A 113 6.24 27.40 9.01
CA ARG A 113 4.97 27.18 8.39
C ARG A 113 4.75 28.05 7.17
N VAL A 114 4.33 27.42 6.07
CA VAL A 114 4.11 28.13 4.82
C VAL A 114 2.78 27.74 4.22
N THR A 115 2.29 28.55 3.28
CA THR A 115 1.09 28.23 2.58
C THR A 115 1.50 27.74 1.21
N ASP A 117 0.25 26.66 -2.55
CA ASP A 117 -0.86 26.96 -3.43
C ASP A 117 -0.47 26.36 -4.76
N GLU A 118 -1.11 25.27 -5.12
CA GLU A 118 -0.78 24.58 -6.34
C GLU A 118 -1.97 24.02 -7.11
N VAL A 119 -1.72 23.76 -8.38
CA VAL A 119 -2.69 23.18 -9.23
C VAL A 119 -2.12 21.85 -9.63
N GLY A 120 -2.98 20.85 -9.53
CA GLY A 120 -2.65 19.49 -9.99
C GLY A 120 -3.45 19.14 -11.25
N LEU A 121 -2.81 18.56 -12.27
CA LEU A 121 -3.50 18.15 -13.49
C LEU A 121 -3.40 16.64 -13.64
N TYR A 122 -4.54 15.97 -13.78
CA TYR A 122 -4.60 14.53 -13.76
C TYR A 122 -5.06 14.03 -15.10
N THR A 123 -4.30 13.16 -15.73
CA THR A 123 -4.68 12.55 -17.01
C THR A 123 -5.21 11.11 -16.79
N VAL A 124 -6.34 10.80 -17.41
CA VAL A 124 -7.01 9.50 -17.24
C VAL A 124 -7.02 8.74 -18.53
N LYS A 125 -6.63 7.47 -18.46
CA LYS A 125 -6.60 6.62 -19.63
C LYS A 125 -7.15 5.28 -19.15
N ASN A 126 -8.21 4.80 -19.76
CA ASN A 126 -8.80 3.49 -19.40
C ASN A 126 -9.16 3.39 -17.94
N GLY A 127 -9.70 4.48 -17.39
CA GLY A 127 -10.18 4.48 -16.02
C GLY A 127 -9.17 4.69 -14.92
N LYS A 128 -7.92 4.95 -15.29
CA LYS A 128 -6.85 5.09 -14.31
C LYS A 128 -6.04 6.36 -14.56
N ILE A 129 -5.46 6.90 -13.51
CA ILE A 129 -4.71 8.13 -13.65
C ILE A 129 -3.32 7.72 -14.11
N THR A 130 -2.97 8.14 -15.33
CA THR A 130 -1.66 7.83 -15.93
C THR A 130 -0.59 8.90 -15.69
N GLU A 131 -1.02 10.12 -15.37
CA GLU A 131 -0.10 11.17 -15.13
C GLU A 131 -0.72 12.16 -14.15
N GLU A 132 0.08 12.67 -13.23
CA GLU A 132 -0.29 13.78 -12.37
C GLU A 132 0.83 14.81 -12.53
N ARG A 133 0.47 16.09 -12.68
CA ARG A 133 1.43 17.14 -12.95
C ARG A 133 1.06 18.34 -12.09
N PHE A 134 2.04 18.86 -11.33
CA PHE A 134 1.80 19.96 -10.39
C PHE A 134 2.40 21.27 -10.86
N TYR A 135 1.65 22.36 -10.62
CA TYR A 135 1.98 23.66 -11.10
C TYR A 135 2.03 24.54 -9.87
N TYR A 136 3.14 25.28 -9.70
CA TYR A 136 3.40 26.07 -8.49
C TYR A 136 3.75 27.48 -8.85
N GLY B 19 29.74 0.68 22.21
CA GLY B 19 30.67 -0.50 22.21
C GLY B 19 31.62 -0.48 21.02
N THR B 21 33.63 1.23 17.85
CA THR B 21 34.29 2.49 17.59
C THR B 21 33.88 2.98 16.20
N ILE B 22 34.06 4.27 15.95
CA ILE B 22 33.71 4.86 14.65
C ILE B 22 34.37 4.07 13.53
N ALA B 23 35.60 3.65 13.75
CA ALA B 23 36.34 2.90 12.76
C ALA B 23 35.67 1.56 12.44
N GLU B 24 35.15 0.90 13.48
CA GLU B 24 34.48 -0.37 13.27
C GLU B 24 33.13 -0.16 12.59
N ILE B 25 32.38 0.84 13.06
CA ILE B 25 31.09 1.15 12.49
C ILE B 25 31.27 1.48 11.00
N ALA B 26 32.27 2.34 10.72
CA ALA B 26 32.61 2.75 9.35
C ALA B 26 32.92 1.55 8.50
N LYS B 27 33.77 0.67 9.01
CA LYS B 27 34.15 -0.56 8.27
C LYS B 27 32.98 -1.46 7.98
N ASP B 28 32.15 -1.72 8.98
CA ASP B 28 31.00 -2.61 8.82
C ASP B 28 29.98 -2.05 7.83
N PHE B 29 29.65 -0.78 8.01
CA PHE B 29 28.73 -0.07 7.13
C PHE B 29 29.24 -0.09 5.70
N THR B 30 30.51 0.23 5.50
CA THR B 30 31.09 0.19 4.15
C THR B 30 31.08 -1.23 3.56
N GLU B 31 31.44 -2.21 4.37
CA GLU B 31 31.41 -3.60 3.92
C GLU B 31 30.00 -3.90 3.41
N LEU B 32 29.01 -3.66 4.26
CA LEU B 32 27.61 -3.89 3.84
C LEU B 32 27.21 -3.23 2.53
N LEU B 33 27.64 -1.99 2.30
CA LEU B 33 27.34 -1.29 1.05
C LEU B 33 28.08 -1.94 -0.12
N LYS B 34 29.33 -2.36 0.09
CA LYS B 34 30.08 -3.05 -0.95
C LYS B 34 29.39 -4.36 -1.36
N GLN B 35 28.79 -5.04 -0.38
CA GLN B 35 27.98 -6.23 -0.61
C GLN B 35 26.61 -5.90 -1.24
N GLY B 36 26.32 -4.64 -1.53
CA GLY B 36 25.03 -4.27 -2.08
C GLY B 36 23.90 -4.37 -1.06
N ASP B 37 24.23 -4.41 0.23
CA ASP B 37 23.20 -4.50 1.27
C ASP B 37 22.93 -3.12 1.87
N ASN B 38 22.51 -2.22 1.00
CA ASN B 38 22.19 -0.84 1.39
C ASN B 38 21.12 -0.76 2.49
N ALA B 39 20.05 -1.54 2.35
CA ALA B 39 18.94 -1.48 3.32
C ALA B 39 19.34 -2.02 4.69
N GLY B 40 20.15 -3.06 4.70
CA GLY B 40 20.63 -3.63 5.92
C GLY B 40 21.58 -2.65 6.59
N ALA B 41 22.43 -2.01 5.81
CA ALA B 41 23.35 -1.03 6.36
C ALA B 41 22.58 0.09 7.07
N ALA B 42 21.50 0.57 6.42
CA ALA B 42 20.66 1.68 6.96
C ALA B 42 19.87 1.28 8.19
N GLU B 43 19.20 0.14 8.12
CA GLU B 43 18.46 -0.34 9.26
C GLU B 43 19.36 -0.51 10.48
N LYS B 44 20.53 -1.08 10.25
CA LYS B 44 21.47 -1.35 11.32
C LYS B 44 22.07 -0.14 11.97
N TYR B 45 22.41 0.87 11.16
CA TYR B 45 23.14 2.04 11.66
C TYR B 45 22.47 3.41 11.70
N ASN B 46 21.44 3.65 10.89
CA ASN B 46 20.82 4.97 10.92
C ASN B 46 20.17 5.31 12.26
N ALA B 47 20.33 6.57 12.71
CA ALA B 47 19.65 7.01 13.93
C ALA B 47 18.16 7.16 13.59
N ASP B 48 17.30 6.99 14.58
CA ASP B 48 15.86 7.18 14.36
C ASP B 48 15.53 8.54 13.71
N ASP B 49 16.30 9.55 14.09
CA ASP B 49 16.12 10.91 13.57
C ASP B 49 17.18 11.32 12.54
N ILE B 50 17.69 10.36 11.78
CA ILE B 50 18.69 10.69 10.78
C ILE B 50 18.22 11.81 9.82
N ALA B 51 19.12 12.77 9.63
CA ALA B 51 18.96 13.88 8.67
C ALA B 51 19.77 13.53 7.42
N SER B 52 19.16 13.61 6.24
CA SER B 52 19.82 13.29 5.03
C SER B 52 19.73 14.50 4.05
N TYR B 53 20.88 14.88 3.56
CA TYR B 53 21.01 16.07 2.70
C TYR B 53 21.62 15.77 1.35
N GLU B 54 20.75 15.70 0.35
N GLU B 54 20.84 15.82 0.29
CA GLU B 54 21.13 15.45 -1.05
CA GLU B 54 21.42 15.75 -1.07
C GLU B 54 21.88 16.64 -1.61
C GLU B 54 21.95 17.12 -1.43
N ALA B 55 22.78 16.36 -2.55
N ALA B 55 22.84 17.20 -2.44
CA ALA B 55 23.63 17.40 -3.14
CA ALA B 55 23.42 18.48 -2.83
C ALA B 55 22.84 18.29 -4.09
C ALA B 55 22.49 19.20 -3.79
N GLU B 57 20.09 20.69 -5.53
N GLU B 57 19.52 20.63 -4.94
CA GLU B 57 19.22 21.75 -5.06
CA GLU B 57 18.28 21.07 -4.31
C GLU B 57 17.75 21.39 -5.35
C GLU B 57 17.09 20.48 -5.09
N GLY B 58 16.86 21.76 -4.43
N GLY B 58 16.01 20.13 -4.39
CA GLY B 58 15.45 21.44 -4.57
CA GLY B 58 14.84 19.56 -5.06
C GLY B 58 14.73 21.24 -3.25
C GLY B 58 13.79 18.99 -4.13
N PRO B 59 13.39 21.07 -3.31
N PRO B 59 12.75 18.36 -4.71
CA PRO B 59 12.44 20.89 -2.21
CA PRO B 59 11.58 17.82 -4.05
C PRO B 59 12.54 19.62 -1.33
C PRO B 59 11.88 17.08 -2.77
N ALA B 61 15.18 17.61 -1.10
N ALA B 61 15.16 16.95 -1.24
CA ALA B 61 16.58 17.29 -0.94
CA ALA B 61 16.60 17.30 -0.98
C ALA B 61 16.88 16.89 0.49
C ALA B 61 17.04 17.16 0.48
N VAL B 62 16.16 17.52 1.42
CA VAL B 62 16.44 17.36 2.82
C VAL B 62 15.40 16.39 3.42
N SER B 63 15.87 15.41 4.15
CA SER B 63 15.02 14.46 4.74
C SER B 63 15.34 14.24 6.20
N HIS B 64 14.29 14.06 6.99
CA HIS B 64 14.44 13.78 8.42
C HIS B 64 13.68 12.53 8.84
N GLY B 65 14.32 11.63 9.57
CA GLY B 65 13.67 10.40 10.06
C GLY B 65 14.15 9.14 9.39
N LYS B 66 14.35 8.09 10.18
CA LYS B 66 14.88 6.86 9.65
C LYS B 66 13.92 6.21 8.65
N GLU B 67 12.66 6.12 9.02
CA GLU B 67 11.64 5.52 8.15
C GLU B 67 11.39 6.37 6.91
N ALA B 68 11.39 7.70 7.01
CA ALA B 68 11.34 8.57 5.83
C ALA B 68 12.46 8.25 4.84
N LEU B 69 13.68 8.08 5.36
CA LEU B 69 14.82 7.80 4.51
C LEU B 69 14.67 6.45 3.83
N ARG B 70 14.14 5.48 4.56
N ARG B 70 14.19 5.45 4.56
CA ARG B 70 13.88 4.15 4.02
CA ARG B 70 13.90 4.15 3.98
C ARG B 70 12.90 4.25 2.84
C ARG B 70 12.92 4.28 2.80
N GLN B 71 11.88 5.11 2.98
CA GLN B 71 10.91 5.34 1.89
C GLN B 71 11.56 6.01 0.66
N LYS B 72 12.41 6.99 0.92
CA LYS B 72 13.15 7.66 -0.14
C LYS B 72 14.07 6.67 -0.82
N SER B 73 14.74 5.84 -0.05
CA SER B 73 15.63 4.84 -0.66
C SER B 73 14.92 3.86 -1.54
N GLN B 74 13.73 3.44 -1.11
CA GLN B 74 12.94 2.50 -1.91
C GLN B 74 12.48 3.20 -3.19
N TRP B 75 12.04 4.44 -3.03
CA TRP B 75 11.63 5.25 -4.19
C TRP B 75 12.75 5.34 -5.20
N TRP B 76 13.95 5.58 -4.69
CA TRP B 76 15.08 5.76 -5.59
C TRP B 76 15.36 4.49 -6.36
N GLN B 77 15.30 3.34 -5.69
CA GLN B 77 15.49 2.04 -6.37
C GLN B 77 14.41 1.77 -7.41
N GLU B 78 13.18 2.16 -7.12
CA GLU B 78 12.09 1.94 -8.08
C GLU B 78 12.23 2.82 -9.35
N ASN B 79 13.00 3.91 -9.26
CA ASN B 79 13.14 4.89 -10.31
C ASN B 79 14.47 4.92 -11.06
N HIS B 80 15.36 4.01 -10.71
CA HIS B 80 16.66 3.86 -11.38
C HIS B 80 17.00 2.39 -11.63
N GLU B 81 17.59 2.08 -12.78
CA GLU B 81 18.14 0.75 -12.98
C GLU B 81 19.59 0.93 -12.64
N VAL B 82 20.08 0.19 -11.64
CA VAL B 82 21.49 0.26 -11.24
C VAL B 82 22.23 -0.81 -12.01
N HIS B 83 23.17 -0.39 -12.85
CA HIS B 83 23.92 -1.32 -13.69
C HIS B 83 25.19 -1.85 -13.03
N GLY B 84 25.72 -1.10 -12.10
CA GLY B 84 26.93 -1.49 -11.42
C GLY B 84 27.38 -0.35 -10.56
N GLY B 85 28.59 -0.48 -10.00
CA GLY B 85 29.12 0.54 -9.14
C GLY B 85 30.15 0.06 -8.15
N SER B 86 30.73 1.04 -7.45
CA SER B 86 31.77 0.85 -6.46
C SER B 86 31.64 1.82 -5.28
N VAL B 87 32.23 1.42 -4.18
CA VAL B 87 32.29 2.21 -2.98
C VAL B 87 33.75 2.19 -2.56
N GLU B 88 34.32 3.37 -2.33
CA GLU B 88 35.70 3.52 -1.82
C GLU B 88 35.63 4.15 -0.44
N GLY B 89 36.41 3.63 0.50
CA GLY B 89 36.42 4.16 1.86
C GLY B 89 36.41 3.01 2.85
N PRO B 90 36.12 3.28 4.12
CA PRO B 90 35.83 4.59 4.71
C PRO B 90 37.08 5.40 4.97
N TYR B 91 36.92 6.71 4.90
CA TYR B 91 37.94 7.71 5.21
C TYR B 91 37.41 8.37 6.46
N VAL B 92 38.14 8.32 7.55
CA VAL B 92 37.65 8.79 8.85
C VAL B 92 38.34 10.02 9.37
N ASN B 93 37.59 10.84 10.10
CA ASN B 93 38.11 11.98 10.84
C ASN B 93 37.16 12.24 12.00
N GLY B 94 37.62 11.93 13.22
CA GLY B 94 36.82 12.20 14.38
C GLY B 94 35.55 11.40 14.38
N ASP B 95 34.42 12.07 14.51
CA ASP B 95 33.08 11.45 14.57
C ASP B 95 32.43 11.19 13.20
N GLN B 96 33.19 11.34 12.14
CA GLN B 96 32.64 11.17 10.80
C GLN B 96 33.48 10.29 9.90
N PHE B 97 32.82 9.76 8.87
CA PHE B 97 33.54 9.01 7.84
C PHE B 97 32.95 9.41 6.48
N ALA B 98 33.78 9.36 5.45
CA ALA B 98 33.41 9.73 4.09
C ALA B 98 33.54 8.54 3.18
N LEU B 99 32.63 8.41 2.20
CA LEU B 99 32.73 7.35 1.23
C LEU B 99 32.64 7.96 -0.15
N ARG B 100 33.27 7.34 -1.12
CA ARG B 100 33.22 7.81 -2.48
C ARG B 100 32.53 6.75 -3.30
N PHE B 101 31.43 7.17 -3.91
CA PHE B 101 30.53 6.33 -4.67
C PHE B 101 30.60 6.60 -6.17
N LYS B 102 30.63 5.54 -6.96
CA LYS B 102 30.49 5.66 -8.41
C LYS B 102 29.36 4.68 -8.76
N PHE B 103 28.28 5.16 -9.38
CA PHE B 103 27.13 4.34 -9.72
C PHE B 103 26.91 4.43 -11.22
N ASP B 104 26.66 3.28 -11.85
CA ASP B 104 26.38 3.16 -13.26
C ASP B 104 24.88 2.93 -13.28
N VAL B 105 24.12 3.96 -13.65
CA VAL B 105 22.65 3.95 -13.53
C VAL B 105 21.83 4.57 -14.70
N THR B 106 20.67 3.98 -14.98
CA THR B 106 19.73 4.51 -15.98
C THR B 106 18.50 5.00 -15.21
N PRO B 107 18.33 6.33 -15.07
CA PRO B 107 17.10 6.82 -14.43
C PRO B 107 15.90 6.64 -15.30
N LYS B 108 14.78 6.23 -14.71
CA LYS B 108 13.55 6.16 -15.48
C LYS B 108 13.12 7.52 -15.99
N ALA B 109 13.46 8.58 -15.25
CA ALA B 109 13.08 9.96 -15.59
C ALA B 109 13.64 10.41 -16.94
N THR B 110 14.85 9.95 -17.27
CA THR B 110 15.49 10.31 -18.54
C THR B 110 15.64 9.14 -19.51
N GLY B 111 15.90 7.93 -18.99
CA GLY B 111 16.15 6.78 -19.85
C GLY B 111 17.55 6.87 -20.48
N GLU B 112 18.38 7.80 -19.99
CA GLU B 112 19.72 8.00 -20.51
C GLU B 112 20.70 7.52 -19.44
N ARG B 113 21.51 6.53 -19.79
CA ARG B 113 22.48 5.95 -18.87
C ARG B 113 23.56 6.95 -18.53
N VAL B 114 23.93 7.01 -17.25
CA VAL B 114 24.96 7.92 -16.78
C VAL B 114 25.75 7.29 -15.63
N THR B 115 26.92 7.83 -15.35
CA THR B 115 27.71 7.37 -14.23
C THR B 115 27.68 8.55 -13.26
N ASP B 117 28.90 10.20 -9.72
CA ASP B 117 30.13 10.22 -8.92
C ASP B 117 29.87 11.15 -7.75
N GLU B 118 29.87 10.62 -6.53
CA GLU B 118 29.60 11.48 -5.37
C GLU B 118 30.32 11.06 -4.10
N VAL B 119 30.32 11.97 -3.15
CA VAL B 119 30.92 11.72 -1.86
C VAL B 119 29.84 11.81 -0.80
N GLY B 120 29.77 10.81 0.08
CA GLY B 120 28.84 10.82 1.20
C GLY B 120 29.63 11.02 2.47
N LEU B 121 29.14 11.90 3.33
CA LEU B 121 29.78 12.21 4.60
C LEU B 121 28.81 11.80 5.68
N TYR B 122 29.24 10.93 6.60
CA TYR B 122 28.40 10.32 7.62
C TYR B 122 28.85 10.71 8.99
N THR B 123 27.95 11.31 9.77
CA THR B 123 28.20 11.72 11.17
C THR B 123 27.65 10.69 12.15
N VAL B 124 28.47 10.29 13.12
CA VAL B 124 28.09 9.25 14.07
C VAL B 124 28.08 9.77 15.51
N LYS B 125 26.97 9.52 16.21
CA LYS B 125 26.77 9.86 17.61
C LYS B 125 26.16 8.64 18.29
N ASN B 126 26.67 8.25 19.46
CA ASN B 126 26.13 7.11 20.21
C ASN B 126 25.96 5.89 19.33
N GLY B 127 26.90 5.63 18.45
CA GLY B 127 26.84 4.46 17.63
C GLY B 127 25.85 4.45 16.47
N LYS B 128 25.21 5.59 16.15
CA LYS B 128 24.23 5.62 15.07
C LYS B 128 24.56 6.79 14.17
N ILE B 129 24.24 6.67 12.89
CA ILE B 129 24.49 7.72 11.93
C ILE B 129 23.40 8.74 12.12
N THR B 130 23.75 9.95 12.56
CA THR B 130 22.74 10.99 12.80
C THR B 130 22.59 11.88 11.56
N GLU B 131 23.57 11.86 10.67
CA GLU B 131 23.48 12.66 9.46
C GLU B 131 24.28 12.04 8.33
N GLU B 132 23.73 12.16 7.13
CA GLU B 132 24.40 11.81 5.89
C GLU B 132 24.22 13.02 4.92
N ARG B 133 25.32 13.44 4.32
CA ARG B 133 25.33 14.56 3.43
C ARG B 133 26.05 14.14 2.19
N PHE B 134 25.45 14.36 1.01
CA PHE B 134 26.07 13.99 -0.27
C PHE B 134 26.56 15.20 -1.05
N TYR B 135 27.73 15.03 -1.66
CA TYR B 135 28.42 16.04 -2.41
C TYR B 135 28.53 15.52 -3.83
N TYR B 136 28.22 16.36 -4.82
CA TYR B 136 28.18 15.95 -6.21
C TYR B 136 28.77 17.02 -7.10
N THR C 21 18.83 -8.83 13.78
CA THR C 21 18.53 -10.09 14.45
C THR C 21 17.01 -10.21 14.54
N ILE C 22 16.54 -11.41 14.83
CA ILE C 22 15.11 -11.68 14.92
C ILE C 22 14.53 -10.90 16.08
N ALA C 23 15.24 -10.79 17.20
CA ALA C 23 14.70 -10.06 18.36
C ALA C 23 14.46 -8.58 18.03
N GLU C 24 15.40 -7.99 17.31
CA GLU C 24 15.29 -6.61 16.90
C GLU C 24 14.09 -6.37 16.00
N ILE C 25 13.94 -7.24 15.01
CA ILE C 25 12.77 -7.20 14.12
C ILE C 25 11.48 -7.40 14.90
N ALA C 26 11.48 -8.40 15.77
CA ALA C 26 10.30 -8.72 16.55
C ALA C 26 9.95 -7.55 17.43
N LYS C 27 10.95 -6.92 18.03
CA LYS C 27 10.71 -5.76 18.89
C LYS C 27 10.13 -4.57 18.14
N ASP C 28 10.72 -4.23 17.01
CA ASP C 28 10.23 -3.06 16.22
C ASP C 28 8.82 -3.30 15.69
N PHE C 29 8.57 -4.46 15.10
CA PHE C 29 7.24 -4.83 14.60
C PHE C 29 6.20 -4.77 15.69
N THR C 30 6.51 -5.30 16.86
CA THR C 30 5.59 -5.28 17.98
C THR C 30 5.30 -3.85 18.41
N GLU C 31 6.36 -3.06 18.54
N GLU C 31 6.35 -3.03 18.56
CA GLU C 31 6.24 -1.66 18.92
CA GLU C 31 6.13 -1.64 18.96
C GLU C 31 5.29 -0.90 17.98
C GLU C 31 5.24 -0.90 17.97
N LEU C 32 5.44 -1.14 16.67
CA LEU C 32 4.56 -0.54 15.67
C LEU C 32 3.09 -0.96 15.85
N LEU C 33 2.87 -2.24 16.10
CA LEU C 33 1.50 -2.74 16.36
C LEU C 33 0.91 -2.08 17.62
N LYS C 34 1.71 -1.94 18.67
CA LYS C 34 1.24 -1.39 19.93
C LYS C 34 0.83 0.04 19.78
N GLN C 35 1.49 0.75 18.87
CA GLN C 35 1.16 2.14 18.59
C GLN C 35 0.00 2.24 17.63
N GLY C 36 -0.44 1.13 17.08
CA GLY C 36 -1.54 1.07 16.14
C GLY C 36 -1.12 1.30 14.70
N ASP C 37 0.18 1.17 14.41
CA ASP C 37 0.65 1.40 13.04
C ASP C 37 0.74 0.08 12.32
N ASN C 38 -0.42 -0.52 12.10
CA ASN C 38 -0.46 -1.83 11.47
C ASN C 38 -0.01 -1.81 10.03
N ALA C 39 -0.42 -0.78 9.30
CA ALA C 39 -0.09 -0.61 7.88
C ALA C 39 1.40 -0.45 7.68
N GLY C 40 2.03 0.32 8.56
CA GLY C 40 3.45 0.55 8.50
C GLY C 40 4.28 -0.65 8.86
N ALA C 41 3.80 -1.45 9.82
CA ALA C 41 4.52 -2.65 10.21
C ALA C 41 4.52 -3.61 9.04
N ALA C 42 3.34 -3.78 8.45
CA ALA C 42 3.16 -4.56 7.22
C ALA C 42 4.05 -4.14 6.07
N GLU C 43 4.01 -2.86 5.73
CA GLU C 43 4.79 -2.39 4.59
C GLU C 43 6.28 -2.52 4.90
N LYS C 44 6.69 -2.27 6.13
CA LYS C 44 8.11 -2.41 6.45
C LYS C 44 8.60 -3.83 6.44
N TYR C 45 7.85 -4.74 7.05
CA TYR C 45 8.34 -6.15 7.22
C TYR C 45 7.80 -7.26 6.37
N ASN C 46 6.60 -7.12 5.80
CA ASN C 46 6.08 -8.23 5.04
C ASN C 46 6.89 -8.55 3.79
N ALA C 47 7.13 -9.84 3.55
CA ALA C 47 7.77 -10.29 2.35
C ALA C 47 6.76 -10.11 1.25
N ASP C 48 7.23 -9.97 0.01
CA ASP C 48 6.31 -9.80 -1.14
C ASP C 48 5.38 -10.96 -1.32
N ASP C 49 5.83 -12.16 -0.93
CA ASP C 49 5.01 -13.40 -1.03
C ASP C 49 4.54 -13.91 0.33
N ILE C 50 4.33 -13.03 1.28
CA ILE C 50 3.84 -13.44 2.60
C ILE C 50 2.57 -14.24 2.48
N ALA C 51 2.53 -15.34 3.24
CA ALA C 51 1.44 -16.25 3.39
C ALA C 51 0.80 -15.93 4.77
N SER C 52 -0.52 -15.73 4.79
CA SER C 52 -1.23 -15.46 6.02
C SER C 52 -2.33 -16.52 6.22
N TYR C 53 -2.31 -17.18 7.37
CA TYR C 53 -3.26 -18.26 7.71
C TYR C 53 -4.16 -17.95 8.93
N GLU C 54 -5.48 -17.96 8.68
N GLU C 54 -5.43 -17.62 8.68
CA GLU C 54 -6.49 -17.84 9.74
CA GLU C 54 -6.36 -17.30 9.78
C GLU C 54 -6.74 -19.24 10.33
C GLU C 54 -6.79 -18.58 10.49
N ALA C 55 -7.26 -19.31 11.55
N ALA C 55 -7.22 -18.46 11.74
CA ALA C 55 -7.49 -20.60 12.20
CA ALA C 55 -7.61 -19.65 12.48
C ALA C 55 -8.75 -21.29 11.70
C ALA C 55 -8.99 -20.13 12.09
N GLU C 57 -12.17 -21.88 9.00
N GLU C 57 -11.55 -21.40 9.75
CA GLU C 57 -12.39 -21.96 7.57
CA GLU C 57 -11.56 -22.04 8.44
C GLU C 57 -13.24 -20.76 7.21
C GLU C 57 -12.63 -21.49 7.50
N GLY C 58 -13.09 -20.27 5.97
N GLY C 58 -12.34 -21.56 6.20
CA GLY C 58 -13.86 -19.12 5.51
CA GLY C 58 -13.22 -21.05 5.14
C GLY C 58 -13.31 -18.46 4.25
C GLY C 58 -12.41 -20.33 4.09
N PRO C 59 -14.11 -17.63 3.62
N PRO C 59 -12.13 -21.01 2.97
CA PRO C 59 -13.67 -17.00 2.39
CA PRO C 59 -11.28 -20.75 1.79
C PRO C 59 -12.19 -16.45 2.33
C PRO C 59 -10.55 -19.40 1.73
N ALA C 61 -9.52 -17.12 4.49
N ALA C 61 -9.50 -18.01 4.14
CA ALA C 61 -8.72 -17.90 5.41
CA ALA C 61 -8.76 -18.08 5.38
C ALA C 61 -7.24 -17.92 5.05
C ALA C 61 -7.26 -18.25 5.09
N VAL C 62 -6.91 -18.36 3.83
CA VAL C 62 -5.51 -18.47 3.40
C VAL C 62 -5.25 -17.35 2.37
N SER C 63 -4.23 -16.55 2.58
CA SER C 63 -3.91 -15.43 1.69
C SER C 63 -2.44 -15.46 1.30
N HIS C 64 -2.14 -15.27 0.03
CA HIS C 64 -0.75 -15.18 -0.44
C HIS C 64 -0.46 -13.88 -1.11
N GLY C 65 0.57 -13.16 -0.67
CA GLY C 65 0.99 -11.91 -1.32
C GLY C 65 0.87 -10.72 -0.42
N LYS C 66 1.84 -9.81 -0.52
CA LYS C 66 1.86 -8.61 0.30
C LYS C 66 0.70 -7.67 -0.03
N GLU C 67 0.47 -7.42 -1.32
CA GLU C 67 -0.56 -6.51 -1.71
C GLU C 67 -1.90 -7.10 -1.34
N ALA C 68 -2.08 -8.42 -1.51
CA ALA C 68 -3.32 -9.15 -1.11
C ALA C 68 -3.62 -8.95 0.35
N LEU C 69 -2.57 -8.98 1.17
CA LEU C 69 -2.76 -8.86 2.60
C LEU C 69 -3.17 -7.47 2.97
N ARG C 70 -2.65 -6.50 2.23
CA ARG C 70 -3.03 -5.11 2.41
C ARG C 70 -4.50 -4.98 2.08
N GLN C 71 -4.94 -5.66 1.03
CA GLN C 71 -6.36 -5.63 0.61
C GLN C 71 -7.32 -6.23 1.63
N LYS C 72 -6.94 -7.41 2.14
CA LYS C 72 -7.68 -8.06 3.21
C LYS C 72 -7.73 -7.19 4.47
N SER C 73 -6.61 -6.63 4.88
CA SER C 73 -6.58 -5.75 6.07
C SER C 73 -7.50 -4.56 5.95
N GLN C 74 -7.57 -3.99 4.75
CA GLN C 74 -8.41 -2.87 4.47
C GLN C 74 -9.90 -3.29 4.57
N TRP C 75 -10.20 -4.41 3.96
CA TRP C 75 -11.53 -5.01 4.00
C TRP C 75 -11.93 -5.20 5.47
N TRP C 76 -11.03 -5.77 6.23
CA TRP C 76 -11.31 -6.05 7.64
C TRP C 76 -11.61 -4.79 8.40
N GLN C 77 -10.76 -3.79 8.26
CA GLN C 77 -10.97 -2.49 8.95
C GLN C 77 -12.31 -1.85 8.58
N GLU C 78 -12.70 -1.90 7.31
CA GLU C 78 -14.00 -1.34 6.91
C GLU C 78 -15.23 -2.09 7.40
N ASN C 79 -15.02 -3.34 7.82
CA ASN C 79 -16.06 -4.26 8.29
C ASN C 79 -16.09 -4.56 9.80
N HIS C 80 -15.27 -3.84 10.54
CA HIS C 80 -15.14 -3.98 12.01
C HIS C 80 -14.81 -2.67 12.66
N GLU C 81 -15.39 -2.46 13.83
CA GLU C 81 -15.10 -1.31 14.63
C GLU C 81 -14.31 -1.83 15.84
N VAL C 82 -13.01 -1.54 15.91
N VAL C 82 -13.02 -1.51 15.92
CA VAL C 82 -12.19 -1.97 17.05
CA VAL C 82 -12.17 -1.97 17.01
C VAL C 82 -12.32 -0.94 18.16
C VAL C 82 -12.24 -0.96 18.15
N HIS C 83 -12.71 -1.40 19.33
CA HIS C 83 -12.90 -0.51 20.46
C HIS C 83 -11.64 -0.34 21.28
N GLY C 84 -10.70 -1.25 21.16
CA GLY C 84 -9.46 -1.09 21.87
C GLY C 84 -8.92 -2.48 22.12
N GLY C 85 -7.78 -2.55 22.77
CA GLY C 85 -7.20 -3.85 23.05
C GLY C 85 -5.73 -3.78 23.32
N SER C 86 -5.05 -4.92 23.30
CA SER C 86 -3.67 -4.93 23.68
C SER C 86 -2.93 -5.95 22.87
N VAL C 87 -1.62 -5.78 22.87
CA VAL C 87 -0.69 -6.64 22.19
C VAL C 87 0.38 -7.00 23.20
N GLU C 88 0.65 -8.28 23.36
CA GLU C 88 1.66 -8.71 24.29
C GLU C 88 2.67 -9.51 23.57
N GLY C 89 3.95 -9.27 23.90
CA GLY C 89 5.06 -9.98 23.27
C GLY C 89 6.17 -9.00 22.94
N PRO C 90 7.11 -9.36 22.08
CA PRO C 90 7.22 -10.60 21.33
C PRO C 90 7.83 -11.74 22.15
N TYR C 91 7.45 -12.95 21.80
CA TYR C 91 7.96 -14.18 22.39
C TYR C 91 8.74 -14.76 21.25
N VAL C 92 10.05 -14.95 21.39
CA VAL C 92 10.88 -15.41 20.27
C VAL C 92 11.38 -16.81 20.40
N ASN C 93 11.51 -17.53 19.27
CA ASN C 93 12.18 -18.84 19.25
C ASN C 93 12.72 -19.03 17.85
N GLY C 94 14.03 -19.05 17.72
CA GLY C 94 14.62 -19.29 16.41
C GLY C 94 14.29 -18.16 15.45
N ASP C 95 13.78 -18.49 14.28
CA ASP C 95 13.37 -17.57 13.22
C ASP C 95 11.92 -17.10 13.28
N GLN C 96 11.24 -17.33 14.41
CA GLN C 96 9.89 -16.91 14.61
C GLN C 96 9.65 -16.15 15.89
N PHE C 97 8.57 -15.39 15.87
CA PHE C 97 8.14 -14.68 17.09
C PHE C 97 6.63 -14.78 17.15
N ALA C 98 6.10 -14.78 18.37
CA ALA C 98 4.66 -14.86 18.59
C ALA C 98 4.18 -13.67 19.32
N LEU C 99 2.92 -13.32 19.13
CA LEU C 99 2.27 -12.21 19.82
C LEU C 99 0.91 -12.63 20.30
N ARG C 100 0.44 -12.05 21.41
CA ARG C 100 -0.93 -12.29 21.87
C ARG C 100 -1.73 -11.00 21.76
N PHE C 101 -2.84 -11.10 21.06
CA PHE C 101 -3.71 -10.00 20.81
C PHE C 101 -5.01 -10.24 21.54
N LYS C 102 -5.53 -9.20 22.19
CA LYS C 102 -6.85 -9.28 22.85
C LYS C 102 -7.51 -7.96 22.52
N PHE C 103 -8.54 -7.98 21.69
N PHE C 103 -8.54 -7.98 21.69
CA PHE C 103 -9.23 -6.74 21.28
CA PHE C 103 -9.21 -6.72 21.30
C PHE C 103 -10.72 -6.86 21.41
C PHE C 103 -10.72 -6.83 21.28
N ASP C 104 -11.39 -5.73 21.57
CA ASP C 104 -12.86 -5.69 21.60
C ASP C 104 -13.23 -5.13 20.26
N VAL C 105 -14.21 -5.76 19.62
CA VAL C 105 -14.57 -5.40 18.26
C VAL C 105 -16.04 -5.63 18.01
N THR C 106 -16.64 -4.80 17.16
CA THR C 106 -18.02 -5.01 16.73
C THR C 106 -17.95 -5.22 15.22
N PRO C 107 -18.17 -6.47 14.75
CA PRO C 107 -18.26 -6.72 13.32
C PRO C 107 -19.52 -6.10 12.78
N LYS C 108 -19.43 -5.43 11.64
CA LYS C 108 -20.64 -4.88 11.00
C LYS C 108 -21.68 -5.96 10.69
N ALA C 109 -21.18 -7.15 10.37
CA ALA C 109 -22.00 -8.32 10.04
C ALA C 109 -22.98 -8.68 11.17
N THR C 110 -22.51 -8.67 12.42
CA THR C 110 -23.39 -9.01 13.54
C THR C 110 -23.88 -7.84 14.36
N GLY C 111 -23.09 -6.79 14.49
CA GLY C 111 -23.48 -5.66 15.36
C GLY C 111 -23.31 -5.99 16.84
N GLU C 112 -22.76 -7.17 17.16
CA GLU C 112 -22.57 -7.61 18.53
C GLU C 112 -21.08 -7.52 18.88
N ARG C 113 -20.81 -6.75 19.92
CA ARG C 113 -19.47 -6.52 20.40
C ARG C 113 -18.93 -7.76 21.09
N VAL C 114 -17.71 -8.15 20.71
CA VAL C 114 -17.06 -9.33 21.25
C VAL C 114 -15.58 -9.06 21.51
N THR C 115 -14.98 -9.85 22.39
CA THR C 115 -13.56 -9.81 22.66
C THR C 115 -12.90 -10.91 21.89
N ASP C 117 -9.42 -12.97 21.09
CA ASP C 117 -8.20 -13.30 21.77
C ASP C 117 -7.50 -14.34 20.89
N GLU C 118 -6.33 -13.98 20.41
CA GLU C 118 -5.57 -14.81 19.50
C GLU C 118 -4.10 -14.71 19.75
N VAL C 119 -3.41 -15.65 19.16
CA VAL C 119 -1.98 -15.66 19.11
C VAL C 119 -1.59 -15.62 17.65
N GLY C 120 -0.65 -14.75 17.30
CA GLY C 120 -0.06 -14.70 15.97
C GLY C 120 1.37 -15.23 16.02
N LEU C 121 1.72 -16.05 15.04
CA LEU C 121 3.06 -16.60 14.92
C LEU C 121 3.64 -16.12 13.62
N TYR C 122 4.80 -15.46 13.68
CA TYR C 122 5.42 -14.81 12.54
C TYR C 122 6.75 -15.44 12.24
N THR C 123 6.96 -15.83 10.99
CA THR C 123 8.18 -16.45 10.50
C THR C 123 8.96 -15.41 9.75
N VAL C 124 10.25 -15.33 10.05
CA VAL C 124 11.12 -14.33 9.43
C VAL C 124 12.21 -15.02 8.64
N LYS C 125 12.44 -14.57 7.43
CA LYS C 125 13.49 -15.11 6.57
C LYS C 125 14.07 -13.91 5.84
N ASN C 126 15.38 -13.71 5.94
CA ASN C 126 16.07 -12.59 5.30
C ASN C 126 15.49 -11.25 5.67
N GLY C 127 15.15 -11.10 6.93
CA GLY C 127 14.61 -9.83 7.42
C GLY C 127 13.17 -9.52 7.13
N LYS C 128 12.47 -10.46 6.53
CA LYS C 128 11.08 -10.22 6.15
C LYS C 128 10.17 -11.31 6.69
N ILE C 129 8.94 -10.93 7.02
CA ILE C 129 7.90 -11.84 7.51
C ILE C 129 7.39 -12.62 6.31
N THR C 130 7.70 -13.90 6.27
N THR C 130 7.69 -13.91 6.30
CA THR C 130 7.30 -14.78 5.18
CA THR C 130 7.32 -14.77 5.21
C THR C 130 5.94 -15.45 5.45
C THR C 130 5.98 -15.47 5.46
N GLU C 131 5.61 -15.61 6.72
CA GLU C 131 4.35 -16.21 7.11
C GLU C 131 3.84 -15.62 8.41
N GLU C 132 2.51 -15.46 8.50
CA GLU C 132 1.81 -15.08 9.71
C GLU C 132 0.69 -16.14 9.85
N ARG C 133 0.56 -16.72 11.03
N ARG C 133 0.55 -16.66 11.05
CA ARG C 133 -0.41 -17.77 11.27
CA ARG C 133 -0.37 -17.72 11.31
C ARG C 133 -1.12 -17.50 12.58
C ARG C 133 -1.12 -17.35 12.59
N PHE C 134 -2.46 -17.40 12.56
CA PHE C 134 -3.25 -17.02 13.73
C PHE C 134 -3.97 -18.17 14.37
N TYR C 135 -3.88 -18.19 15.71
CA TYR C 135 -4.43 -19.25 16.52
C TYR C 135 -5.54 -18.68 17.37
N TYR C 136 -6.67 -19.36 17.43
CA TYR C 136 -7.85 -18.85 18.11
C TYR C 136 -8.56 -19.94 18.91
N THR D 21 -34.73 0.17 -16.34
CA THR D 21 -35.57 -0.82 -15.73
C THR D 21 -34.64 -1.94 -15.20
N ILE D 22 -35.16 -2.77 -14.30
CA ILE D 22 -34.40 -3.89 -13.73
C ILE D 22 -33.92 -4.78 -14.86
N ALA D 23 -34.75 -4.92 -15.87
CA ALA D 23 -34.42 -5.73 -17.03
C ALA D 23 -33.21 -5.17 -17.74
N GLU D 24 -33.18 -3.87 -17.96
CA GLU D 24 -32.05 -3.24 -18.62
C GLU D 24 -30.79 -3.33 -17.79
N ILE D 25 -30.93 -3.04 -16.50
CA ILE D 25 -29.80 -3.13 -15.56
C ILE D 25 -29.24 -4.57 -15.52
N ALA D 26 -30.13 -5.53 -15.34
CA ALA D 26 -29.73 -6.93 -15.32
C ALA D 26 -29.04 -7.28 -16.63
N LYS D 27 -29.57 -6.78 -17.75
CA LYS D 27 -28.96 -7.07 -19.04
C LYS D 27 -27.55 -6.51 -19.15
N ASP D 28 -27.38 -5.24 -18.78
CA ASP D 28 -26.08 -4.56 -18.90
C ASP D 28 -25.04 -5.17 -17.98
N PHE D 29 -25.40 -5.31 -16.72
CA PHE D 29 -24.55 -5.97 -15.72
C PHE D 29 -24.10 -7.31 -16.22
N THR D 30 -25.04 -8.14 -16.67
CA THR D 30 -24.64 -9.46 -17.18
C THR D 30 -23.68 -9.40 -18.37
N GLU D 31 -23.96 -8.50 -19.32
CA GLU D 31 -23.12 -8.35 -20.50
C GLU D 31 -21.71 -7.95 -20.07
N LEU D 32 -21.59 -7.02 -19.13
CA LEU D 32 -20.27 -6.68 -18.57
C LEU D 32 -19.54 -7.88 -17.98
N LEU D 33 -20.26 -8.75 -17.30
CA LEU D 33 -19.66 -9.96 -16.70
C LEU D 33 -19.28 -10.98 -17.79
N LYS D 34 -20.13 -11.14 -18.80
CA LYS D 34 -19.80 -12.03 -19.93
C LYS D 34 -18.58 -11.48 -20.67
N GLN D 35 -18.40 -10.17 -20.67
CA GLN D 35 -17.19 -9.58 -21.27
C GLN D 35 -15.94 -9.76 -20.40
N GLY D 36 -16.09 -10.39 -19.23
CA GLY D 36 -15.00 -10.50 -18.28
C GLY D 36 -14.72 -9.20 -17.53
N ASP D 37 -15.66 -8.26 -17.47
CA ASP D 37 -15.41 -6.99 -16.78
C ASP D 37 -16.10 -6.91 -15.43
N ASN D 38 -15.71 -7.80 -14.53
CA ASN D 38 -16.27 -7.85 -13.21
C ASN D 38 -16.17 -6.51 -12.47
N ALA D 39 -14.99 -5.90 -12.47
CA ALA D 39 -14.79 -4.65 -11.72
C ALA D 39 -15.60 -3.53 -12.26
N GLY D 40 -15.76 -3.49 -13.57
CA GLY D 40 -16.54 -2.43 -14.20
C GLY D 40 -18.01 -2.57 -13.84
N ALA D 41 -18.53 -3.81 -13.89
CA ALA D 41 -19.91 -4.03 -13.55
C ALA D 41 -20.18 -3.65 -12.08
N ALA D 42 -19.27 -4.05 -11.19
CA ALA D 42 -19.38 -3.68 -9.78
C ALA D 42 -19.33 -2.18 -9.61
N GLU D 43 -18.39 -1.50 -10.23
CA GLU D 43 -18.27 -0.05 -10.03
C GLU D 43 -19.51 0.70 -10.50
N LYS D 44 -20.02 0.31 -11.66
CA LYS D 44 -21.18 0.95 -12.25
C LYS D 44 -22.46 0.72 -11.48
N TYR D 45 -22.67 -0.51 -10.98
CA TYR D 45 -23.97 -0.84 -10.38
C TYR D 45 -24.05 -1.03 -8.87
N ASN D 46 -22.95 -1.30 -8.17
CA ASN D 46 -23.08 -1.56 -6.73
C ASN D 46 -23.49 -0.32 -5.96
N ALA D 47 -24.42 -0.46 -5.01
CA ALA D 47 -24.80 0.64 -4.15
C ALA D 47 -23.66 0.85 -3.19
N ASP D 48 -23.56 2.06 -2.66
CA ASP D 48 -22.52 2.44 -1.69
C ASP D 48 -22.44 1.50 -0.50
N ASP D 49 -23.60 1.02 -0.10
CA ASP D 49 -23.74 0.18 1.07
C ASP D 49 -24.06 -1.28 0.71
N ILE D 50 -23.68 -1.71 -0.47
CA ILE D 50 -23.94 -3.07 -0.86
C ILE D 50 -23.51 -4.08 0.24
N ALA D 51 -24.38 -5.07 0.47
CA ALA D 51 -24.18 -6.19 1.41
C ALA D 51 -23.94 -7.42 0.56
N SER D 52 -22.87 -8.16 0.84
CA SER D 52 -22.47 -9.32 0.05
C SER D 52 -22.38 -10.56 0.93
N TYR D 53 -23.06 -11.61 0.53
CA TYR D 53 -23.16 -12.81 1.35
C TYR D 53 -22.67 -14.02 0.63
N GLU D 54 -21.43 -14.41 0.91
N GLU D 54 -21.57 -14.61 1.13
CA GLU D 54 -20.74 -15.49 0.20
CA GLU D 54 -21.08 -15.90 0.64
C GLU D 54 -21.32 -16.88 0.38
C GLU D 54 -21.82 -17.02 1.33
N ALA D 55 -21.02 -17.73 -0.59
N ALA D 55 -21.91 -18.16 0.65
CA ALA D 55 -21.46 -19.11 -0.58
CA ALA D 55 -22.66 -19.32 1.17
C ALA D 55 -20.93 -19.86 0.66
C ALA D 55 -22.07 -19.98 2.41
N GLU D 57 -19.68 -20.58 4.34
N GLU D 57 -19.44 -20.51 5.86
CA GLU D 57 -19.81 -19.99 5.66
CA GLU D 57 -18.85 -19.73 6.94
C GLU D 57 -18.42 -19.67 6.21
C GLU D 57 -17.35 -19.53 6.64
N GLY D 58 -18.37 -18.86 7.26
N GLY D 58 -16.85 -18.33 6.96
CA GLY D 58 -17.12 -18.43 7.85
CA GLY D 58 -15.44 -17.98 6.69
C GLY D 58 -17.23 -17.00 8.36
C GLY D 58 -15.06 -16.53 6.97
N PRO D 59 -16.25 -16.59 9.15
N PRO D 59 -13.76 -16.23 6.87
CA PRO D 59 -16.14 -15.28 9.79
CA PRO D 59 -13.10 -14.96 7.17
C PRO D 59 -16.11 -14.07 8.87
C PRO D 59 -13.57 -13.75 6.41
N ALA D 61 -17.40 -14.11 5.59
N ALA D 61 -17.05 -14.05 4.75
CA ALA D 61 -18.25 -14.44 4.45
CA ALA D 61 -18.39 -14.52 4.36
C ALA D 61 -19.19 -13.29 4.12
C ALA D 61 -19.43 -13.42 4.21
N VAL D 62 -19.45 -12.43 5.11
CA VAL D 62 -20.36 -11.31 4.97
C VAL D 62 -19.59 -9.98 4.89
N SER D 63 -19.94 -9.19 3.87
CA SER D 63 -19.28 -7.93 3.62
C SER D 63 -20.24 -6.79 3.45
N HIS D 64 -19.92 -5.62 3.99
CA HIS D 64 -20.76 -4.45 3.82
C HIS D 64 -19.94 -3.29 3.28
N GLY D 65 -20.43 -2.62 2.24
CA GLY D 65 -19.75 -1.42 1.76
C GLY D 65 -19.24 -1.68 0.37
N LYS D 66 -19.39 -0.69 -0.52
CA LYS D 66 -18.98 -0.85 -1.90
C LYS D 66 -17.44 -0.98 -2.03
N GLU D 67 -16.75 -0.13 -1.28
CA GLU D 67 -15.30 -0.09 -1.40
C GLU D 67 -14.68 -1.29 -0.73
N ALA D 68 -15.28 -1.73 0.37
CA ALA D 68 -14.85 -2.91 1.09
C ALA D 68 -14.95 -4.11 0.12
N LEU D 69 -16.04 -4.23 -0.60
CA LEU D 69 -16.20 -5.33 -1.58
C LEU D 69 -15.22 -5.29 -2.73
N ARG D 70 -14.88 -4.07 -3.18
N ARG D 70 -14.89 -4.06 -3.13
CA ARG D 70 -13.86 -3.92 -4.20
CA ARG D 70 -13.89 -3.80 -4.15
C ARG D 70 -12.55 -4.46 -3.65
C ARG D 70 -12.57 -4.38 -3.67
N GLN D 71 -12.26 -4.16 -2.39
CA GLN D 71 -11.03 -4.70 -1.78
C GLN D 71 -11.05 -6.24 -1.74
N LYS D 72 -12.20 -6.82 -1.42
CA LYS D 72 -12.34 -8.28 -1.31
C LYS D 72 -12.17 -8.87 -2.69
N SER D 73 -12.77 -8.21 -3.69
CA SER D 73 -12.66 -8.72 -5.10
C SER D 73 -11.23 -8.70 -5.58
N GLN D 74 -10.51 -7.62 -5.26
CA GLN D 74 -9.09 -7.53 -5.59
C GLN D 74 -8.35 -8.66 -4.89
N TRP D 75 -8.66 -8.85 -3.62
CA TRP D 75 -8.02 -9.90 -2.83
C TRP D 75 -8.19 -11.23 -3.51
N TRP D 76 -9.44 -11.49 -3.87
CA TRP D 76 -9.82 -12.72 -4.50
C TRP D 76 -9.06 -12.93 -5.82
N GLN D 77 -8.98 -11.91 -6.67
CA GLN D 77 -8.25 -12.03 -7.94
C GLN D 77 -6.76 -12.27 -7.72
N GLU D 78 -6.19 -11.68 -6.69
CA GLU D 78 -4.78 -11.92 -6.33
C GLU D 78 -4.55 -13.34 -5.88
N ASN D 79 -5.58 -13.97 -5.35
CA ASN D 79 -5.43 -15.32 -4.81
C ASN D 79 -5.99 -16.45 -5.66
N HIS D 80 -6.47 -16.15 -6.86
CA HIS D 80 -7.02 -17.16 -7.76
C HIS D 80 -6.67 -16.84 -9.16
N GLU D 81 -6.21 -17.85 -9.89
CA GLU D 81 -6.05 -17.70 -11.31
C GLU D 81 -7.34 -18.25 -11.96
N VAL D 82 -8.02 -17.41 -12.73
CA VAL D 82 -9.23 -17.78 -13.44
C VAL D 82 -8.89 -18.12 -14.88
N HIS D 83 -9.13 -19.37 -15.27
CA HIS D 83 -8.78 -19.83 -16.60
C HIS D 83 -9.86 -19.49 -17.59
N GLY D 84 -11.08 -19.43 -17.10
CA GLY D 84 -12.21 -19.12 -17.96
C GLY D 84 -13.48 -19.34 -17.19
N GLY D 85 -14.61 -19.20 -17.88
CA GLY D 85 -15.90 -19.36 -17.23
C GLY D 85 -17.04 -19.01 -18.14
N SER D 86 -18.25 -19.17 -17.62
CA SER D 86 -19.49 -18.85 -18.34
C SER D 86 -20.41 -18.20 -17.33
N VAL D 87 -21.30 -17.36 -17.84
CA VAL D 87 -22.29 -16.65 -17.04
C VAL D 87 -23.61 -16.88 -17.73
N GLU D 88 -24.58 -17.45 -17.04
CA GLU D 88 -25.89 -17.69 -17.65
C GLU D 88 -26.96 -16.84 -16.98
N GLY D 89 -27.85 -16.25 -17.77
CA GLY D 89 -28.89 -15.35 -17.29
C GLY D 89 -28.82 -14.04 -18.05
N PRO D 90 -29.42 -12.97 -17.54
CA PRO D 90 -30.15 -12.85 -16.26
C PRO D 90 -31.53 -13.48 -16.20
N TYR D 91 -31.83 -14.07 -15.05
CA TYR D 91 -33.15 -14.58 -14.74
C TYR D 91 -33.77 -13.55 -13.80
N VAL D 92 -34.90 -12.94 -14.14
CA VAL D 92 -35.44 -11.84 -13.35
C VAL D 92 -36.74 -12.16 -12.67
N ASN D 93 -36.92 -11.60 -11.47
CA ASN D 93 -38.16 -11.65 -10.72
C ASN D 93 -38.22 -10.41 -9.84
N GLY D 94 -39.13 -9.51 -10.17
CA GLY D 94 -39.40 -8.32 -9.38
C GLY D 94 -38.18 -7.45 -9.42
N ASP D 95 -37.66 -7.00 -8.30
N ASP D 95 -37.74 -7.14 -8.20
CA ASP D 95 -36.48 -6.13 -8.34
CA ASP D 95 -36.57 -6.32 -7.82
C ASP D 95 -35.15 -6.93 -8.16
C ASP D 95 -35.28 -7.12 -7.73
N GLN D 96 -35.18 -8.23 -8.45
CA GLN D 96 -34.00 -9.08 -8.35
C GLN D 96 -33.76 -9.83 -9.62
N PHE D 97 -32.51 -10.25 -9.79
CA PHE D 97 -32.13 -11.12 -10.89
C PHE D 97 -31.10 -12.12 -10.41
N ALA D 98 -31.05 -13.26 -11.08
CA ALA D 98 -30.11 -14.33 -10.77
C ALA D 98 -29.25 -14.68 -11.96
N LEU D 99 -28.01 -15.08 -11.66
CA LEU D 99 -27.06 -15.52 -12.67
C LEU D 99 -26.47 -16.81 -12.24
N ARG D 100 -26.20 -17.71 -13.19
CA ARG D 100 -25.52 -18.95 -12.88
C ARG D 100 -24.10 -18.83 -13.48
N PHE D 101 -23.13 -18.97 -12.59
CA PHE D 101 -21.73 -18.86 -12.88
C PHE D 101 -21.10 -20.22 -12.84
N LYS D 102 -20.29 -20.54 -13.86
CA LYS D 102 -19.50 -21.75 -13.86
C LYS D 102 -18.10 -21.30 -14.24
N PHE D 103 -17.08 -21.57 -13.43
CA PHE D 103 -15.73 -21.11 -13.79
C PHE D 103 -14.61 -22.05 -13.36
N ASP D 104 -13.54 -22.05 -14.15
CA ASP D 104 -12.39 -22.92 -13.92
C ASP D 104 -11.37 -22.00 -13.31
N VAL D 105 -10.91 -22.34 -12.10
N VAL D 105 -10.86 -22.40 -12.16
CA VAL D 105 -10.03 -21.51 -11.28
CA VAL D 105 -9.98 -21.61 -11.34
C VAL D 105 -9.02 -22.32 -10.43
C VAL D 105 -8.90 -22.46 -10.69
N THR D 106 -7.80 -21.80 -10.32
CA THR D 106 -6.74 -22.40 -9.53
C THR D 106 -6.47 -21.48 -8.36
N PRO D 107 -6.97 -21.84 -7.18
CA PRO D 107 -6.66 -21.06 -6.01
C PRO D 107 -5.20 -21.13 -5.63
N LYS D 108 -4.60 -20.01 -5.25
CA LYS D 108 -3.23 -20.06 -4.77
C LYS D 108 -3.08 -20.90 -3.48
N ALA D 109 -4.13 -20.98 -2.69
CA ALA D 109 -4.13 -21.72 -1.42
C ALA D 109 -3.88 -23.21 -1.58
N THR D 110 -4.33 -23.79 -2.69
CA THR D 110 -4.20 -25.24 -2.97
C THR D 110 -3.35 -25.62 -4.18
N GLY D 111 -3.29 -24.73 -5.17
CA GLY D 111 -2.65 -25.04 -6.45
C GLY D 111 -3.39 -26.12 -7.24
N GLU D 112 -4.64 -26.40 -6.90
CA GLU D 112 -5.40 -27.41 -7.55
C GLU D 112 -6.55 -26.76 -8.31
N ARG D 113 -6.54 -26.96 -9.60
CA ARG D 113 -7.54 -26.39 -10.47
C ARG D 113 -8.85 -27.07 -10.25
N VAL D 114 -9.89 -26.27 -10.09
CA VAL D 114 -11.21 -26.82 -9.84
C VAL D 114 -12.22 -26.03 -10.66
N THR D 115 -13.43 -26.57 -10.84
CA THR D 115 -14.52 -25.84 -11.45
C THR D 115 -15.52 -25.43 -10.35
N ASP D 117 -19.21 -23.72 -9.38
CA ASP D 117 -20.55 -23.60 -9.95
C ASP D 117 -21.41 -22.94 -8.88
N GLU D 118 -21.77 -21.67 -9.10
CA GLU D 118 -22.53 -20.91 -8.15
C GLU D 118 -23.73 -20.23 -8.79
N VAL D 119 -24.67 -19.86 -7.93
CA VAL D 119 -25.78 -19.05 -8.37
C VAL D 119 -25.64 -17.79 -7.57
N GLY D 120 -25.73 -16.66 -8.26
CA GLY D 120 -25.75 -15.34 -7.57
C GLY D 120 -27.11 -14.68 -7.69
N LEU D 121 -27.60 -14.14 -6.58
CA LEU D 121 -28.88 -13.44 -6.55
C LEU D 121 -28.63 -11.98 -6.20
N TYR D 122 -29.07 -11.09 -7.07
CA TYR D 122 -28.82 -9.66 -6.96
C TYR D 122 -30.09 -8.86 -6.77
N THR D 123 -30.12 -8.01 -5.74
CA THR D 123 -31.27 -7.17 -5.41
C THR D 123 -30.99 -5.73 -5.84
N VAL D 124 -31.91 -5.15 -6.65
CA VAL D 124 -31.76 -3.78 -7.22
C VAL D 124 -32.76 -2.84 -6.58
N LYS D 125 -32.31 -1.72 -6.08
CA LYS D 125 -33.17 -0.72 -5.47
C LYS D 125 -32.65 0.61 -6.01
N ASN D 126 -33.49 1.42 -6.64
CA ASN D 126 -33.02 2.72 -7.15
C ASN D 126 -31.91 2.67 -8.20
N GLY D 127 -31.91 1.61 -9.01
CA GLY D 127 -30.90 1.46 -10.03
C GLY D 127 -29.56 0.90 -9.58
N LYS D 128 -29.42 0.55 -8.29
CA LYS D 128 -28.16 0.01 -7.80
C LYS D 128 -28.36 -1.33 -7.09
N ILE D 129 -27.32 -2.16 -7.10
CA ILE D 129 -27.35 -3.47 -6.46
C ILE D 129 -27.09 -3.20 -5.00
N THR D 130 -28.11 -3.43 -4.19
CA THR D 130 -28.02 -3.24 -2.72
C THR D 130 -27.60 -4.53 -1.99
N GLU D 131 -27.77 -5.67 -2.65
CA GLU D 131 -27.40 -6.93 -2.04
C GLU D 131 -27.04 -7.96 -3.11
N GLU D 132 -26.00 -8.73 -2.82
CA GLU D 132 -25.60 -9.89 -3.64
C GLU D 132 -25.45 -11.10 -2.69
N ARG D 133 -25.94 -12.26 -3.13
CA ARG D 133 -25.96 -13.42 -2.27
C ARG D 133 -25.66 -14.60 -3.15
N PHE D 134 -24.68 -15.39 -2.75
CA PHE D 134 -24.22 -16.54 -3.52
C PHE D 134 -24.57 -17.86 -2.89
N TYR D 135 -24.96 -18.80 -3.76
CA TYR D 135 -25.45 -20.08 -3.39
C TYR D 135 -24.55 -21.10 -4.05
N TYR D 136 -24.10 -22.12 -3.34
CA TYR D 136 -23.20 -23.12 -3.92
C TYR D 136 -23.56 -24.44 -3.34
#